data_4O7Y
#
_entry.id   4O7Y
#
_cell.length_a   44.040
_cell.length_b   155.520
_cell.length_c   78.290
_cell.angle_alpha   90.000
_cell.angle_beta   90.000
_cell.angle_gamma   90.000
#
_symmetry.space_group_name_H-M   'C 2 2 21'
#
loop_
_entity.id
_entity.type
_entity.pdbx_description
1 polymer 'Phosphoribosylaminoimidazole-succinocarboxamide synthase'
2 non-polymer "CYTIDINE-5'-MONOPHOSPHATE"
3 non-polymer 'PHOSPHATE ION'
4 non-polymer 'ACETATE ION'
5 water water
#
_entity_poly.entity_id   1
_entity_poly.type   'polypeptide(L)'
_entity_poly.pdbx_seq_one_letter_code
;MVKLMEVYEGKAKKMIPIDDDKLIMEFKDDATAFDGTKKARFKGKGWLNAQLSVIFFKLLEEHGIKTHFIGVAGGNRLIV
EKLDMYPLEVVVRNVVAGSLKKRLPLPEGYELPEPIVELYYKNDELHDPMINYYHAKVLGISLDEIKKIEEIALKVNEIL
KDYLAKKGIILVDFKLEFGKDKNGDIVLADEISPDTCRFWDAKTKRSLDKDVFRFDKGDLIEAYKEIYERITGEKPEF
;
_entity_poly.pdbx_strand_id   A
#
# COMPACT_ATOMS: atom_id res chain seq x y z
N LYS A 11 12.45 -3.87 -6.38
CA LYS A 11 12.37 -4.80 -5.21
C LYS A 11 11.41 -5.95 -5.49
N ALA A 12 10.10 -5.66 -5.44
CA ALA A 12 9.05 -6.69 -5.55
C ALA A 12 8.19 -6.63 -6.85
N LYS A 13 8.48 -5.65 -7.73
CA LYS A 13 7.67 -5.43 -8.95
C LYS A 13 8.48 -4.88 -10.12
N LYS A 14 8.09 -5.25 -11.35
CA LYS A 14 8.63 -4.60 -12.58
C LYS A 14 7.57 -3.78 -13.38
N MET A 15 8.04 -2.88 -14.26
CA MET A 15 7.15 -2.05 -15.09
C MET A 15 7.48 -2.12 -16.59
N ILE A 16 6.56 -2.67 -17.38
CA ILE A 16 6.74 -2.85 -18.83
C ILE A 16 5.88 -1.85 -19.62
N PRO A 17 6.51 -0.91 -20.37
CA PRO A 17 5.76 -0.02 -21.26
C PRO A 17 4.86 -0.75 -22.26
N ILE A 18 3.73 -0.13 -22.60
CA ILE A 18 2.88 -0.62 -23.68
C ILE A 18 2.77 0.49 -24.72
N ASP A 19 2.38 1.67 -24.28
CA ASP A 19 2.36 2.87 -25.10
C ASP A 19 2.32 4.07 -24.17
N ASP A 20 1.74 5.17 -24.64
CA ASP A 20 1.63 6.41 -23.88
C ASP A 20 0.61 6.30 -22.75
N ASP A 21 -0.35 5.40 -22.92
CA ASP A 21 -1.56 5.43 -22.14
C ASP A 21 -1.53 4.43 -21.00
N LYS A 22 -0.68 3.41 -21.16
CA LYS A 22 -0.70 2.29 -20.25
C LYS A 22 0.62 1.56 -20.18
N LEU A 23 0.75 0.76 -19.14
CA LEU A 23 1.92 -0.08 -18.98
C LEU A 23 1.53 -1.32 -18.19
N ILE A 24 2.50 -2.22 -18.06
CA ILE A 24 2.32 -3.45 -17.30
C ILE A 24 3.00 -3.31 -15.96
N MET A 25 2.32 -3.73 -14.90
CA MET A 25 2.93 -3.78 -13.59
C MET A 25 2.95 -5.24 -13.22
N GLU A 26 4.16 -5.78 -13.10
CA GLU A 26 4.35 -7.20 -12.77
C GLU A 26 4.83 -7.37 -11.35
N PHE A 27 4.23 -8.32 -10.64
CA PHE A 27 4.58 -8.59 -9.25
C PHE A 27 5.54 -9.80 -9.18
N LYS A 28 6.70 -9.60 -8.55
CA LYS A 28 7.73 -10.63 -8.48
C LYS A 28 7.67 -11.35 -7.12
N ASP A 29 8.41 -12.44 -6.99
CA ASP A 29 8.41 -13.20 -5.74
C ASP A 29 9.40 -12.71 -4.70
N ASP A 30 10.24 -11.74 -5.10
CA ASP A 30 11.26 -11.12 -4.24
C ASP A 30 10.65 -10.32 -3.10
N ALA A 31 11.25 -10.45 -1.93
CA ALA A 31 10.93 -9.61 -0.78
C ALA A 31 12.21 -9.00 -0.22
N THR A 32 12.13 -7.74 0.16
CA THR A 32 13.27 -7.02 0.75
C THR A 32 12.75 -6.26 1.95
N ALA A 33 13.63 -5.98 2.90
CA ALA A 33 13.27 -5.19 4.06
C ALA A 33 14.50 -4.48 4.57
N PHE A 34 14.25 -3.53 5.46
CA PHE A 34 15.32 -2.77 6.13
C PHE A 34 16.24 -2.10 5.13
N ASP A 35 15.63 -1.31 4.24
CA ASP A 35 16.36 -0.69 3.11
C ASP A 35 17.07 -1.77 2.33
N GLY A 36 16.31 -2.79 1.90
CA GLY A 36 16.85 -3.90 1.13
C GLY A 36 18.12 -4.55 1.66
N THR A 37 18.38 -4.48 2.97
CA THR A 37 19.51 -5.21 3.55
C THR A 37 19.17 -6.67 3.89
N LYS A 38 17.86 -6.95 4.00
CA LYS A 38 17.34 -8.30 4.17
C LYS A 38 16.57 -8.71 2.92
N LYS A 39 16.84 -9.92 2.40
CA LYS A 39 16.26 -10.36 1.11
C LYS A 39 15.92 -11.84 1.13
N ALA A 40 14.78 -12.19 0.54
CA ALA A 40 14.37 -13.58 0.32
C ALA A 40 13.43 -13.62 -0.88
N ARG A 41 13.15 -14.81 -1.37
CA ARG A 41 12.17 -15.02 -2.44
C ARG A 41 11.09 -15.97 -1.91
N PHE A 42 9.82 -15.65 -2.18
CA PHE A 42 8.71 -16.46 -1.71
C PHE A 42 7.81 -16.88 -2.86
N LYS A 43 7.85 -18.15 -3.20
CA LYS A 43 7.15 -18.64 -4.37
C LYS A 43 5.65 -18.44 -4.19
N GLY A 44 5.03 -17.82 -5.18
CA GLY A 44 3.61 -17.46 -5.09
C GLY A 44 3.33 -16.08 -4.52
N LYS A 45 4.35 -15.36 -4.02
CA LYS A 45 4.12 -14.02 -3.41
C LYS A 45 3.58 -13.01 -4.42
N GLY A 46 4.21 -12.99 -5.60
CA GLY A 46 3.82 -12.18 -6.73
C GLY A 46 2.35 -12.32 -7.05
N TRP A 47 1.92 -13.58 -7.18
CA TRP A 47 0.52 -13.93 -7.48
C TRP A 47 -0.42 -13.41 -6.44
N LEU A 48 -0.11 -13.67 -5.18
CA LEU A 48 -0.90 -13.16 -4.06
C LEU A 48 -1.01 -11.65 -4.08
N ASN A 49 0.11 -10.96 -4.23
CA ASN A 49 0.12 -9.51 -4.17
C ASN A 49 -0.61 -8.88 -5.37
N ALA A 50 -0.48 -9.51 -6.54
CA ALA A 50 -1.21 -9.10 -7.75
C ALA A 50 -2.72 -9.21 -7.54
N GLN A 51 -3.16 -10.41 -7.16
CA GLN A 51 -4.57 -10.66 -6.93
C GLN A 51 -5.18 -9.72 -5.90
N LEU A 52 -4.47 -9.53 -4.80
CA LEU A 52 -5.02 -8.68 -3.72
C LEU A 52 -5.09 -7.19 -4.13
N SER A 53 -4.10 -6.73 -4.90
CA SER A 53 -4.12 -5.37 -5.42
C SER A 53 -5.35 -5.15 -6.28
N VAL A 54 -5.65 -6.12 -7.15
CA VAL A 54 -6.83 -6.06 -8.02
C VAL A 54 -8.11 -6.00 -7.22
N ILE A 55 -8.25 -6.88 -6.21
CA ILE A 55 -9.44 -6.86 -5.37
C ILE A 55 -9.61 -5.47 -4.71
N PHE A 56 -8.52 -4.94 -4.12
CA PHE A 56 -8.58 -3.65 -3.47
C PHE A 56 -8.88 -2.51 -4.45
N PHE A 57 -8.19 -2.45 -5.59
CA PHE A 57 -8.44 -1.42 -6.61
C PHE A 57 -9.90 -1.43 -7.08
N LYS A 58 -10.45 -2.61 -7.31
CA LYS A 58 -11.84 -2.76 -7.70
C LYS A 58 -12.80 -2.29 -6.61
N LEU A 59 -12.51 -2.62 -5.36
CA LEU A 59 -13.32 -2.12 -4.25
C LEU A 59 -13.29 -0.59 -4.21
N LEU A 60 -12.08 -0.01 -4.29
CA LEU A 60 -11.95 1.46 -4.25
C LEU A 60 -12.63 2.16 -5.43
N GLU A 61 -12.50 1.57 -6.60
CA GLU A 61 -13.16 2.10 -7.79
C GLU A 61 -14.70 2.16 -7.64
N GLU A 62 -15.31 1.12 -7.10
CA GLU A 62 -16.75 1.11 -6.82
C GLU A 62 -17.15 2.20 -5.85
N HIS A 63 -16.21 2.62 -5.01
CA HIS A 63 -16.44 3.66 -4.02
C HIS A 63 -16.07 5.02 -4.52
N GLY A 64 -15.77 5.13 -5.81
CA GLY A 64 -15.55 6.41 -6.45
C GLY A 64 -14.12 6.94 -6.30
N ILE A 65 -13.16 6.05 -5.93
CA ILE A 65 -11.73 6.38 -5.90
C ILE A 65 -11.10 6.11 -7.27
N LYS A 66 -10.45 7.10 -7.89
CA LYS A 66 -9.75 6.93 -9.15
C LYS A 66 -8.42 6.22 -8.97
N THR A 67 -8.26 5.04 -9.57
CA THR A 67 -7.02 4.28 -9.45
C THR A 67 -6.41 4.09 -10.83
N HIS A 68 -5.17 3.61 -10.87
CA HIS A 68 -4.57 3.33 -12.16
C HIS A 68 -4.95 1.97 -12.75
N PHE A 69 -5.69 1.15 -11.99
CA PHE A 69 -6.07 -0.21 -12.44
C PHE A 69 -6.91 -0.16 -13.71
N ILE A 70 -6.40 -0.77 -14.78
CA ILE A 70 -7.15 -0.96 -16.04
C ILE A 70 -7.61 -2.42 -16.22
N GLY A 71 -6.68 -3.37 -16.19
CA GLY A 71 -7.07 -4.77 -16.16
C GLY A 71 -5.95 -5.72 -15.79
N VAL A 72 -6.23 -7.01 -15.98
CA VAL A 72 -5.24 -8.06 -15.72
C VAL A 72 -4.63 -8.58 -17.03
N ALA A 73 -3.38 -8.97 -16.98
CA ALA A 73 -2.64 -9.40 -18.17
C ALA A 73 -2.07 -10.79 -17.96
N GLY A 74 -2.81 -11.62 -17.20
CA GLY A 74 -2.43 -13.00 -16.91
C GLY A 74 -1.28 -13.09 -15.92
N GLY A 75 -1.31 -14.12 -15.09
CA GLY A 75 -0.25 -14.37 -14.11
C GLY A 75 -0.15 -13.30 -13.02
N ASN A 76 1.00 -12.67 -12.92
CA ASN A 76 1.20 -11.62 -11.93
C ASN A 76 1.34 -10.23 -12.55
N ARG A 77 0.60 -9.99 -13.63
CA ARG A 77 0.70 -8.75 -14.39
C ARG A 77 -0.61 -7.99 -14.37
N LEU A 78 -0.53 -6.71 -14.05
CA LEU A 78 -1.71 -5.86 -14.16
C LEU A 78 -1.50 -4.86 -15.28
N ILE A 79 -2.57 -4.50 -15.97
CA ILE A 79 -2.48 -3.39 -16.92
C ILE A 79 -2.93 -2.17 -16.13
N VAL A 80 -2.14 -1.11 -16.19
CA VAL A 80 -2.34 0.08 -15.40
C VAL A 80 -2.12 1.34 -16.25
N GLU A 81 -2.82 2.40 -15.85
CA GLU A 81 -2.71 3.70 -16.49
C GLU A 81 -1.33 4.30 -16.21
N LYS A 82 -0.71 4.86 -17.24
CA LYS A 82 0.53 5.59 -17.07
C LYS A 82 0.22 6.97 -16.47
N LEU A 83 1.06 7.40 -15.54
CA LEU A 83 0.83 8.65 -14.84
C LEU A 83 2.12 9.35 -14.60
N ASP A 84 2.02 10.65 -14.39
CA ASP A 84 3.15 11.45 -13.87
CA ASP A 84 3.12 11.44 -13.88
C ASP A 84 3.14 11.25 -12.36
N MET A 85 4.07 10.40 -11.88
CA MET A 85 4.15 10.02 -10.47
C MET A 85 4.59 11.13 -9.56
N TYR A 86 3.90 11.23 -8.43
CA TYR A 86 4.38 12.13 -7.36
C TYR A 86 5.46 11.38 -6.64
N PRO A 87 6.55 12.07 -6.28
CA PRO A 87 7.61 11.38 -5.57
C PRO A 87 7.31 11.24 -4.06
N LEU A 88 6.18 10.60 -3.74
CA LEU A 88 5.69 10.49 -2.36
C LEU A 88 5.33 9.08 -2.01
N GLU A 89 5.54 8.75 -0.74
CA GLU A 89 4.88 7.62 -0.15
C GLU A 89 3.98 8.20 0.92
N VAL A 90 2.70 7.87 0.82
CA VAL A 90 1.68 8.48 1.67
C VAL A 90 1.22 7.41 2.63
N VAL A 91 1.48 7.62 3.92
CA VAL A 91 1.25 6.56 4.91
C VAL A 91 0.07 6.97 5.82
N VAL A 92 -0.91 6.09 5.95
CA VAL A 92 -2.07 6.33 6.83
C VAL A 92 -1.97 5.32 7.97
N ARG A 93 -2.13 5.78 9.21
CA ARG A 93 -1.95 4.93 10.39
C ARG A 93 -3.16 5.01 11.33
N ASN A 94 -3.72 3.86 11.69
CA ASN A 94 -4.86 3.75 12.63
C ASN A 94 -4.43 3.25 14.01
N VAL A 95 -3.39 2.41 14.01
CA VAL A 95 -2.90 1.73 15.20
C VAL A 95 -1.37 1.90 15.23
N VAL A 96 -0.80 2.21 16.40
CA VAL A 96 0.65 2.40 16.52
C VAL A 96 1.44 1.10 16.21
N ALA A 97 2.41 1.25 15.32
CA ALA A 97 3.27 0.14 14.92
C ALA A 97 4.47 0.71 14.14
N GLY A 98 5.50 -0.09 13.96
CA GLY A 98 6.59 0.26 13.06
C GLY A 98 7.26 1.54 13.49
N SER A 99 7.56 2.40 12.53
CA SER A 99 8.33 3.62 12.77
C SER A 99 7.63 4.66 13.67
N LEU A 100 6.30 4.64 13.71
CA LEU A 100 5.54 5.54 14.58
C LEU A 100 5.96 5.43 16.07
N LYS A 101 6.38 4.26 16.50
CA LYS A 101 6.86 4.07 17.87
C LYS A 101 8.11 4.92 18.19
N LYS A 102 8.86 5.30 17.15
CA LYS A 102 10.05 6.13 17.30
C LYS A 102 9.74 7.62 17.12
N ARG A 103 8.47 7.94 16.95
CA ARG A 103 8.11 9.32 16.71
C ARG A 103 7.15 9.82 17.79
N LEU A 104 6.32 8.91 18.30
CA LEU A 104 5.40 9.17 19.44
C LEU A 104 5.64 8.10 20.55
N PRO A 105 5.62 8.53 21.83
CA PRO A 105 5.97 7.63 22.93
C PRO A 105 4.76 6.75 23.29
N LEU A 106 4.32 5.95 22.33
CA LEU A 106 3.10 5.19 22.53
C LEU A 106 3.43 3.77 22.18
N PRO A 107 2.79 2.79 22.86
CA PRO A 107 3.13 1.38 22.60
C PRO A 107 2.55 0.84 21.27
N GLU A 108 3.23 -0.17 20.73
CA GLU A 108 2.70 -1.01 19.67
C GLU A 108 1.28 -1.44 20.01
N GLY A 109 0.33 -1.21 19.11
CA GLY A 109 -1.05 -1.62 19.37
C GLY A 109 -1.93 -0.51 19.91
N TYR A 110 -1.34 0.61 20.29
CA TYR A 110 -2.15 1.76 20.70
C TYR A 110 -3.12 2.17 19.59
N GLU A 111 -4.39 2.27 19.96
CA GLU A 111 -5.40 2.70 19.00
CA GLU A 111 -5.41 2.70 19.01
C GLU A 111 -5.44 4.21 18.95
N LEU A 112 -5.17 4.75 17.77
CA LEU A 112 -5.10 6.21 17.67
C LEU A 112 -6.50 6.81 17.75
N PRO A 113 -6.62 8.01 18.37
CA PRO A 113 -7.93 8.68 18.46
C PRO A 113 -8.45 9.03 17.05
N GLU A 114 -7.55 9.36 16.11
CA GLU A 114 -7.94 9.60 14.72
CA GLU A 114 -7.94 9.62 14.73
C GLU A 114 -6.78 9.19 13.80
N PRO A 115 -7.06 8.95 12.49
CA PRO A 115 -5.92 8.51 11.66
C PRO A 115 -4.81 9.56 11.52
N ILE A 116 -3.55 9.12 11.54
CA ILE A 116 -2.39 9.94 11.19
C ILE A 116 -2.03 9.77 9.70
N VAL A 117 -1.77 10.85 8.97
CA VAL A 117 -1.28 10.72 7.58
C VAL A 117 0.16 11.23 7.62
N GLU A 118 1.09 10.47 7.04
CA GLU A 118 2.49 10.90 6.98
C GLU A 118 2.94 10.93 5.53
N LEU A 119 3.69 11.98 5.17
CA LEU A 119 4.28 12.10 3.82
C LEU A 119 5.75 11.78 3.90
N TYR A 120 6.22 10.94 2.98
CA TYR A 120 7.64 10.55 2.86
C TYR A 120 8.11 10.91 1.45
N TYR A 121 9.24 11.55 1.37
CA TYR A 121 9.81 11.92 0.10
C TYR A 121 10.51 10.67 -0.51
N LYS A 122 10.00 10.17 -1.63
CA LYS A 122 10.64 9.04 -2.32
C LYS A 122 11.97 9.45 -2.90
N ASN A 123 13.06 9.04 -2.23
CA ASN A 123 14.40 9.42 -2.63
C ASN A 123 15.40 8.46 -2.00
N ASP A 124 15.97 7.58 -2.80
CA ASP A 124 16.91 6.56 -2.29
C ASP A 124 18.18 7.15 -1.69
N GLU A 125 18.71 8.20 -2.31
CA GLU A 125 19.86 8.90 -1.74
C GLU A 125 19.63 9.37 -0.29
N LEU A 126 18.40 9.77 0.04
CA LEU A 126 18.09 10.33 1.36
C LEU A 126 17.34 9.35 2.26
N HIS A 127 17.13 8.14 1.75
CA HIS A 127 16.44 7.05 2.42
C HIS A 127 15.04 7.42 2.82
N ASP A 128 14.29 7.99 1.88
CA ASP A 128 12.87 8.35 2.00
C ASP A 128 12.53 9.12 3.27
N PRO A 129 13.02 10.37 3.40
CA PRO A 129 12.77 11.02 4.68
C PRO A 129 11.32 11.52 4.74
N MET A 130 10.81 11.62 5.96
CA MET A 130 9.49 12.21 6.16
C MET A 130 9.56 13.69 5.80
N ILE A 131 8.48 14.21 5.24
CA ILE A 131 8.44 15.62 4.90
C ILE A 131 7.13 16.23 5.35
N ASN A 132 7.04 17.55 5.32
CA ASN A 132 5.72 18.18 5.54
C ASN A 132 5.26 18.92 4.27
N TYR A 133 4.15 19.64 4.36
CA TYR A 133 3.60 20.42 3.26
C TYR A 133 4.56 21.46 2.71
N TYR A 134 5.39 22.05 3.56
CA TYR A 134 6.34 23.05 3.09
C TYR A 134 7.43 22.40 2.25
N HIS A 135 7.94 21.23 2.68
CA HIS A 135 8.99 20.57 1.88
C HIS A 135 8.37 20.16 0.57
N ALA A 136 7.11 19.69 0.60
CA ALA A 136 6.40 19.26 -0.63
C ALA A 136 6.28 20.38 -1.69
N LYS A 137 5.92 21.57 -1.21
CA LYS A 137 5.89 22.76 -2.04
C LYS A 137 7.23 23.02 -2.71
N VAL A 138 8.35 22.91 -1.97
CA VAL A 138 9.69 23.09 -2.60
C VAL A 138 9.95 22.02 -3.64
N LEU A 139 9.39 20.83 -3.42
CA LEU A 139 9.47 19.74 -4.38
C LEU A 139 8.52 19.90 -5.58
N GLY A 140 7.72 20.96 -5.61
CA GLY A 140 6.85 21.29 -6.76
C GLY A 140 5.41 20.84 -6.60
N ILE A 141 5.04 20.42 -5.38
CA ILE A 141 3.71 19.90 -5.08
C ILE A 141 2.92 20.97 -4.28
N SER A 142 1.83 21.47 -4.86
CA SER A 142 1.07 22.57 -4.29
C SER A 142 0.30 22.13 -3.07
N LEU A 143 -0.06 23.09 -2.23
CA LEU A 143 -0.86 22.80 -1.06
C LEU A 143 -2.20 22.15 -1.43
N ASP A 144 -2.83 22.63 -2.52
CA ASP A 144 -4.10 22.05 -3.06
CA ASP A 144 -4.10 22.03 -2.96
C ASP A 144 -3.92 20.56 -3.39
N GLU A 145 -2.86 20.26 -4.12
CA GLU A 145 -2.53 18.87 -4.45
C GLU A 145 -2.32 18.00 -3.21
N ILE A 146 -1.54 18.50 -2.23
CA ILE A 146 -1.30 17.77 -0.97
C ILE A 146 -2.62 17.56 -0.21
N LYS A 147 -3.42 18.61 -0.07
CA LYS A 147 -4.75 18.45 0.50
C LYS A 147 -5.62 17.41 -0.24
N LYS A 148 -5.71 17.47 -1.58
CA LYS A 148 -6.46 16.44 -2.34
C LYS A 148 -5.92 15.03 -2.09
N ILE A 149 -4.58 14.91 -2.04
CA ILE A 149 -3.92 13.61 -1.80
C ILE A 149 -4.28 13.02 -0.44
N GLU A 150 -4.21 13.84 0.59
CA GLU A 150 -4.55 13.35 1.94
C GLU A 150 -6.03 13.04 2.08
N GLU A 151 -6.88 13.82 1.38
CA GLU A 151 -8.33 13.59 1.38
C GLU A 151 -8.65 12.22 0.82
N ILE A 152 -8.05 11.91 -0.33
CA ILE A 152 -8.19 10.59 -0.94
C ILE A 152 -7.68 9.47 -0.01
N ALA A 153 -6.47 9.65 0.54
CA ALA A 153 -5.85 8.63 1.42
C ALA A 153 -6.77 8.25 2.60
N LEU A 154 -7.31 9.28 3.24
CA LEU A 154 -8.24 9.13 4.38
C LEU A 154 -9.54 8.45 3.99
N LYS A 155 -10.04 8.75 2.78
CA LYS A 155 -11.21 8.05 2.25
C LYS A 155 -10.91 6.56 1.96
N VAL A 156 -9.78 6.30 1.28
CA VAL A 156 -9.25 4.95 1.09
C VAL A 156 -9.16 4.20 2.43
N ASN A 157 -8.59 4.83 3.45
CA ASN A 157 -8.54 4.28 4.81
C ASN A 157 -9.91 3.82 5.32
N GLU A 158 -10.89 4.73 5.32
CA GLU A 158 -12.26 4.41 5.74
C GLU A 158 -12.79 3.17 5.02
N ILE A 159 -12.75 3.16 3.68
CA ILE A 159 -13.24 2.04 2.86
C ILE A 159 -12.54 0.69 3.18
N LEU A 160 -11.20 0.70 3.19
CA LEU A 160 -10.43 -0.52 3.47
C LEU A 160 -10.61 -1.05 4.89
N LYS A 161 -10.49 -0.16 5.88
CA LYS A 161 -10.62 -0.57 7.27
C LYS A 161 -12.02 -1.14 7.60
N ASP A 162 -13.08 -0.52 7.07
CA ASP A 162 -14.46 -1.05 7.21
C ASP A 162 -14.63 -2.42 6.57
N TYR A 163 -14.26 -2.51 5.30
CA TYR A 163 -14.29 -3.73 4.54
C TYR A 163 -13.51 -4.86 5.26
N LEU A 164 -12.28 -4.57 5.67
CA LEU A 164 -11.44 -5.60 6.29
C LEU A 164 -11.95 -5.99 7.67
N ALA A 165 -12.46 -5.02 8.45
CA ALA A 165 -13.01 -5.32 9.78
C ALA A 165 -14.21 -6.28 9.69
N LYS A 166 -15.05 -6.10 8.67
CA LYS A 166 -16.14 -7.04 8.41
C LYS A 166 -15.61 -8.39 7.90
N LYS A 167 -14.29 -8.62 8.02
CA LYS A 167 -13.68 -9.90 7.67
C LYS A 167 -12.68 -10.35 8.74
N GLY A 168 -12.71 -9.67 9.89
CA GLY A 168 -11.87 -10.06 11.03
C GLY A 168 -10.42 -9.58 10.99
N ILE A 169 -10.17 -8.50 10.27
CA ILE A 169 -8.82 -7.95 10.06
C ILE A 169 -8.77 -6.47 10.44
N ILE A 170 -7.81 -6.12 11.29
CA ILE A 170 -7.53 -4.72 11.62
C ILE A 170 -6.55 -4.15 10.60
N LEU A 171 -6.96 -3.09 9.93
CA LEU A 171 -6.06 -2.32 9.08
C LEU A 171 -5.23 -1.41 9.97
N VAL A 172 -4.02 -1.85 10.27
CA VAL A 172 -3.17 -1.18 11.26
C VAL A 172 -2.58 0.11 10.65
N ASP A 173 -1.99 -0.02 9.45
CA ASP A 173 -1.48 1.14 8.69
C ASP A 173 -1.27 0.70 7.25
N PHE A 174 -0.91 1.62 6.36
CA PHE A 174 -0.61 1.23 4.98
C PHE A 174 0.01 2.38 4.22
N LYS A 175 0.63 2.06 3.09
CA LYS A 175 1.29 3.04 2.27
C LYS A 175 0.63 3.08 0.88
N LEU A 176 0.42 4.31 0.40
CA LEU A 176 -0.10 4.60 -0.91
C LEU A 176 0.87 5.45 -1.74
N GLU A 177 0.70 5.36 -3.07
CA GLU A 177 1.41 6.24 -4.00
C GLU A 177 0.43 6.77 -5.04
N PHE A 178 0.76 7.92 -5.61
CA PHE A 178 -0.18 8.63 -6.45
C PHE A 178 0.56 9.20 -7.64
N GLY A 179 -0.19 9.46 -8.71
CA GLY A 179 0.30 10.28 -9.81
C GLY A 179 -0.81 11.08 -10.45
N LYS A 180 -0.44 11.89 -11.44
CA LYS A 180 -1.42 12.68 -12.18
C LYS A 180 -1.63 12.12 -13.58
N ASP A 181 -2.90 12.03 -13.99
CA ASP A 181 -3.26 11.67 -15.36
C ASP A 181 -3.28 12.89 -16.28
N LYS A 182 -3.61 12.69 -17.55
CA LYS A 182 -3.50 13.76 -18.56
C LYS A 182 -4.53 14.87 -18.34
N ASN A 183 -5.58 14.57 -17.58
CA ASN A 183 -6.54 15.57 -17.17
C ASN A 183 -6.13 16.38 -15.95
N GLY A 184 -4.96 16.06 -15.38
CA GLY A 184 -4.52 16.76 -14.17
C GLY A 184 -5.18 16.24 -12.91
N ASP A 185 -5.91 15.13 -13.02
CA ASP A 185 -6.57 14.51 -11.87
C ASP A 185 -5.60 13.65 -11.07
N ILE A 186 -5.78 13.62 -9.76
CA ILE A 186 -4.92 12.79 -8.91
C ILE A 186 -5.47 11.36 -8.79
N VAL A 187 -4.63 10.41 -9.20
CA VAL A 187 -4.99 9.03 -9.36
C VAL A 187 -4.07 8.13 -8.49
N LEU A 188 -4.70 7.25 -7.72
CA LEU A 188 -4.02 6.24 -6.88
C LEU A 188 -3.27 5.19 -7.72
N ALA A 189 -2.01 4.93 -7.36
CA ALA A 189 -1.13 4.14 -8.19
C ALA A 189 -0.48 2.96 -7.42
N ASP A 190 0.66 2.50 -7.92
CA ASP A 190 1.45 1.43 -7.28
C ASP A 190 0.54 0.23 -6.90
N GLU A 191 0.66 -0.25 -5.64
CA GLU A 191 -0.01 -1.49 -5.24
C GLU A 191 -0.71 -1.34 -3.90
N ILE A 192 -1.59 -2.29 -3.57
CA ILE A 192 -2.18 -2.38 -2.22
C ILE A 192 -2.16 -3.88 -1.89
N SER A 193 -1.25 -4.28 -1.01
CA SER A 193 -1.06 -5.68 -0.69
C SER A 193 -0.56 -5.88 0.74
N PRO A 194 -0.40 -7.16 1.13
CA PRO A 194 0.19 -7.39 2.46
C PRO A 194 1.68 -6.95 2.53
N ASP A 195 2.28 -6.60 1.38
CA ASP A 195 3.61 -5.98 1.37
C ASP A 195 3.56 -4.53 1.84
N THR A 196 2.49 -3.83 1.46
CA THR A 196 2.38 -2.39 1.68
C THR A 196 1.36 -1.97 2.76
N CYS A 197 0.83 -2.94 3.50
CA CYS A 197 -0.13 -2.70 4.58
C CYS A 197 0.28 -3.50 5.81
N ARG A 198 -0.13 -3.04 6.98
CA ARG A 198 -0.14 -3.92 8.14
C ARG A 198 -1.55 -4.39 8.40
N PHE A 199 -1.70 -5.72 8.49
CA PHE A 199 -2.97 -6.42 8.70
C PHE A 199 -2.81 -7.33 9.92
N TRP A 200 -3.65 -7.11 10.93
CA TRP A 200 -3.64 -7.92 12.15
C TRP A 200 -4.91 -8.69 12.29
N ASP A 201 -4.81 -9.92 12.77
CA ASP A 201 -6.03 -10.66 13.09
C ASP A 201 -6.76 -9.93 14.21
N ALA A 202 -8.07 -9.72 14.05
CA ALA A 202 -8.88 -9.04 15.06
C ALA A 202 -8.82 -9.75 16.42
N LYS A 203 -8.96 -11.07 16.43
CA LYS A 203 -8.89 -11.87 17.68
C LYS A 203 -7.50 -11.89 18.31
N THR A 204 -6.50 -12.38 17.57
CA THR A 204 -5.18 -12.65 18.14
C THR A 204 -4.19 -11.50 18.05
N LYS A 205 -4.51 -10.47 17.26
CA LYS A 205 -3.59 -9.34 17.02
C LYS A 205 -2.31 -9.76 16.27
N ARG A 206 -2.29 -10.94 15.65
CA ARG A 206 -1.07 -11.43 14.97
C ARG A 206 -0.95 -10.86 13.55
N SER A 207 0.29 -10.71 13.06
CA SER A 207 0.53 -10.08 11.76
C SER A 207 0.21 -11.01 10.62
N LEU A 208 -0.63 -10.55 9.68
CA LEU A 208 -0.84 -11.25 8.41
C LEU A 208 -0.32 -10.37 7.23
N ASP A 209 0.99 -10.10 7.23
CA ASP A 209 1.58 -9.13 6.33
C ASP A 209 3.12 -9.29 6.33
N LYS A 210 3.78 -8.36 5.65
CA LYS A 210 5.21 -8.37 5.50
C LYS A 210 6.01 -8.38 6.83
N ASP A 211 5.40 -8.01 7.95
CA ASP A 211 6.07 -8.04 9.26
C ASP A 211 6.50 -9.49 9.64
N VAL A 212 5.77 -10.47 9.14
CA VAL A 212 6.12 -11.88 9.29
C VAL A 212 7.52 -12.15 8.72
N PHE A 213 7.81 -11.55 7.55
CA PHE A 213 9.16 -11.61 6.98
C PHE A 213 10.13 -10.66 7.68
N ARG A 214 9.70 -9.42 7.94
CA ARG A 214 10.59 -8.44 8.58
C ARG A 214 11.14 -9.02 9.89
N PHE A 215 10.26 -9.59 10.71
CA PHE A 215 10.65 -10.02 12.06
C PHE A 215 10.56 -11.52 12.32
N ASP A 216 10.60 -12.33 11.25
CA ASP A 216 10.64 -13.79 11.37
C ASP A 216 9.53 -14.31 12.30
N LYS A 217 8.31 -13.84 12.05
CA LYS A 217 7.18 -14.15 12.91
C LYS A 217 6.39 -15.35 12.42
N GLY A 218 6.99 -16.13 11.52
CA GLY A 218 6.30 -17.26 10.90
C GLY A 218 6.58 -17.36 9.41
N ASP A 219 5.68 -18.01 8.69
CA ASP A 219 5.87 -18.20 7.26
C ASP A 219 5.03 -17.20 6.48
N LEU A 220 5.70 -16.45 5.63
CA LEU A 220 5.07 -15.35 4.90
C LEU A 220 3.97 -15.79 3.94
N ILE A 221 4.25 -16.85 3.16
CA ILE A 221 3.29 -17.35 2.20
C ILE A 221 2.02 -17.80 2.93
N GLU A 222 2.21 -18.54 4.03
CA GLU A 222 1.09 -18.94 4.90
C GLU A 222 0.25 -17.74 5.35
N ALA A 223 0.89 -16.67 5.80
CA ALA A 223 0.18 -15.48 6.26
C ALA A 223 -0.57 -14.80 5.09
N TYR A 224 0.08 -14.72 3.93
CA TYR A 224 -0.50 -14.05 2.75
C TYR A 224 -1.68 -14.84 2.18
N LYS A 225 -1.55 -16.18 2.15
CA LYS A 225 -2.71 -17.05 1.81
C LYS A 225 -3.88 -16.82 2.75
N GLU A 226 -3.62 -16.72 4.05
CA GLU A 226 -4.69 -16.58 5.03
C GLU A 226 -5.51 -15.30 4.83
N ILE A 227 -4.82 -14.20 4.53
CA ILE A 227 -5.44 -12.92 4.12
C ILE A 227 -6.33 -13.11 2.90
N TYR A 228 -5.75 -13.71 1.87
CA TYR A 228 -6.43 -13.97 0.62
C TYR A 228 -7.70 -14.81 0.84
N GLU A 229 -7.58 -15.87 1.64
CA GLU A 229 -8.73 -16.76 1.89
C GLU A 229 -9.80 -16.05 2.65
N ARG A 230 -9.38 -15.26 3.63
CA ARG A 230 -10.32 -14.47 4.44
C ARG A 230 -11.03 -13.36 3.67
N ILE A 231 -10.36 -12.87 2.64
CA ILE A 231 -10.92 -11.80 1.82
C ILE A 231 -11.81 -12.37 0.74
N THR A 232 -11.35 -13.42 0.07
CA THR A 232 -12.08 -13.99 -1.07
C THR A 232 -13.03 -15.12 -0.70
N GLY A 233 -12.70 -15.86 0.36
CA GLY A 233 -13.50 -17.03 0.75
C GLY A 233 -13.09 -18.27 0.00
N GLU A 234 -12.11 -18.11 -0.89
CA GLU A 234 -11.55 -19.20 -1.70
C GLU A 234 -10.06 -19.44 -1.35
N LYS A 235 -9.60 -20.69 -1.53
CA LYS A 235 -8.19 -21.04 -1.32
C LYS A 235 -7.40 -20.65 -2.58
N PRO A 236 -6.19 -20.06 -2.40
CA PRO A 236 -5.39 -19.52 -3.51
C PRO A 236 -5.05 -20.53 -4.61
N GLU A 237 -5.38 -20.17 -5.85
CA GLU A 237 -5.25 -21.05 -7.02
C GLU A 237 -3.83 -21.19 -7.53
N PHE A 238 -3.13 -20.05 -7.65
CA PHE A 238 -1.76 -19.96 -8.21
C PHE A 238 -1.70 -20.29 -9.70
#